data_6ETT
#
_entry.id   6ETT
#
_cell.length_a   71.450
_cell.length_b   71.450
_cell.length_c   150.539
_cell.angle_alpha   90.000
_cell.angle_beta   90.000
_cell.angle_gamma   90.000
#
_symmetry.space_group_name_H-M   'P 43 21 2'
#
loop_
_entity.id
_entity.type
_entity.pdbx_description
1 polymer 'Lysine-specific demethylase 4D'
2 non-polymer 'ZINC ION'
3 non-polymer 'NICKEL (II) ION'
4 non-polymer 'SODIUM ION'
5 non-polymer 1,2-ETHANEDIOL
6 non-polymer 'SULFATE ION'
7 non-polymer 'ethyl 2-(2~{H}-1,2,3,4-tetrazol-5-yl)ethanoate'
8 non-polymer 'CHLORIDE ION'
9 water water
#
_entity_poly.entity_id   1
_entity_poly.type   'polypeptide(L)'
_entity_poly.pdbx_seq_one_letter_code
;METMKSKANCAQNPNCNIMIFHPTKEEFNDFDKYIAYMESQGAHRAGLAKIIPPKEWKARETYDNISEILIATPLQQVAS
GRAGVFTQYHKKKKAMTVGEYRHLANSKKYQTPPHQNFEDLERKYWKNRIYNSPIYGADISGSLFDENTKQWNLGHLGTI
QDLLEKECGVVIEGVNTPYLYFGMWKTTFAWHTEDMDLYSINYLHLGEPKTWYVVPPEHGQRLERLARELFPGSSRGCGA
FLRHKVALISPTVLKENGIPFNRITQEAGEFMVTFPYGYHAGFNHGFNCAEAINFATPRWIDYGKMASQCSCGEARVTFS
MDAFVRILQPERYDLWKRGQDR
;
_entity_poly.pdbx_strand_id   A
#
# COMPACT_ATOMS: atom_id res chain seq x y z
N ALA A 11 2.19 9.02 -26.68
CA ALA A 11 1.84 8.29 -25.46
C ALA A 11 1.30 9.21 -24.38
N GLN A 12 0.30 8.73 -23.65
CA GLN A 12 -0.37 9.54 -22.66
C GLN A 12 0.46 9.67 -21.38
N ASN A 13 0.42 10.85 -20.79
CA ASN A 13 1.10 11.12 -19.51
C ASN A 13 2.60 10.79 -19.56
N PRO A 14 3.33 11.33 -20.55
CA PRO A 14 4.73 10.93 -20.71
C PRO A 14 5.63 11.36 -19.55
N ASN A 15 5.28 12.42 -18.83
CA ASN A 15 6.07 12.84 -17.67
C ASN A 15 5.72 12.04 -16.42
N CYS A 16 4.77 11.10 -16.50
CA CYS A 16 4.49 10.20 -15.37
C CYS A 16 3.94 10.94 -14.15
N ASN A 17 3.14 11.98 -14.39
CA ASN A 17 2.49 12.70 -13.30
C ASN A 17 1.38 11.90 -12.64
N ILE A 18 1.17 12.09 -11.35
CA ILE A 18 0.02 11.51 -10.66
C ILE A 18 -1.24 12.21 -11.13
N MET A 19 -2.17 11.43 -11.66
CA MET A 19 -3.44 11.94 -12.16
C MET A 19 -4.54 11.75 -11.12
N ILE A 20 -5.50 12.66 -11.15
CA ILE A 20 -6.61 12.69 -10.23
C ILE A 20 -7.88 12.61 -11.06
N PHE A 21 -8.75 11.67 -10.71
CA PHE A 21 -9.97 11.39 -11.46
C PHE A 21 -11.21 11.70 -10.63
N HIS A 22 -12.25 12.18 -11.32
CA HIS A 22 -13.53 12.52 -10.73
C HIS A 22 -14.65 11.78 -11.47
N PRO A 23 -14.76 10.46 -11.30
CA PRO A 23 -15.80 9.72 -12.00
C PRO A 23 -17.20 10.19 -11.61
N THR A 24 -18.11 10.17 -12.57
CA THR A 24 -19.52 10.38 -12.29
C THR A 24 -20.09 9.14 -11.63
N LYS A 25 -21.30 9.24 -11.09
CA LYS A 25 -21.93 8.08 -10.48
C LYS A 25 -22.14 6.95 -11.49
N GLU A 26 -22.41 7.28 -12.75
CA GLU A 26 -22.53 6.23 -13.77
C GLU A 26 -21.18 5.58 -14.05
N GLU A 27 -20.13 6.39 -14.10
CA GLU A 27 -18.80 5.86 -14.34
C GLU A 27 -18.28 5.04 -13.18
N PHE A 28 -18.90 5.16 -12.02
CA PHE A 28 -18.45 4.48 -10.81
C PHE A 28 -19.06 3.09 -10.68
N ASN A 29 -19.88 2.68 -11.63
CA ASN A 29 -20.53 1.37 -11.53
C ASN A 29 -19.59 0.21 -11.82
N ASP A 30 -18.84 0.31 -12.92
CA ASP A 30 -18.02 -0.78 -13.41
C ASP A 30 -16.56 -0.51 -13.05
N PHE A 31 -16.09 -1.17 -12.01
CA PHE A 31 -14.75 -0.94 -11.49
C PHE A 31 -13.67 -1.24 -12.53
N ASP A 32 -13.69 -2.44 -13.10
N ASP A 32 -13.72 -2.42 -13.13
CA ASP A 32 -12.68 -2.84 -14.08
CA ASP A 32 -12.67 -2.79 -14.04
C ASP A 32 -12.61 -1.82 -15.22
C ASP A 32 -12.62 -1.89 -15.28
N LYS A 33 -13.78 -1.42 -15.71
CA LYS A 33 -13.85 -0.49 -16.83
C LYS A 33 -13.18 0.84 -16.50
N TYR A 34 -13.36 1.32 -15.28
CA TYR A 34 -12.77 2.59 -14.91
C TYR A 34 -11.25 2.48 -14.74
N ILE A 35 -10.75 1.36 -14.21
CA ILE A 35 -9.31 1.17 -14.16
C ILE A 35 -8.74 1.23 -15.58
N ALA A 36 -9.38 0.52 -16.51
CA ALA A 36 -8.92 0.52 -17.90
C ALA A 36 -8.97 1.93 -18.50
N TYR A 37 -10.01 2.69 -18.17
CA TYR A 37 -10.12 4.08 -18.61
C TYR A 37 -8.95 4.90 -18.09
N MET A 38 -8.64 4.78 -16.81
N MET A 38 -8.65 4.80 -16.80
CA MET A 38 -7.55 5.56 -16.25
CA MET A 38 -7.54 5.57 -16.25
C MET A 38 -6.22 5.24 -16.93
C MET A 38 -6.25 5.26 -17.00
N GLU A 39 -6.01 3.98 -17.27
CA GLU A 39 -4.79 3.57 -17.96
C GLU A 39 -4.79 4.10 -19.40
N SER A 40 -5.96 4.18 -20.04
CA SER A 40 -6.04 4.77 -21.38
C SER A 40 -5.57 6.23 -21.39
N GLN A 41 -5.67 6.88 -20.25
CA GLN A 41 -5.24 8.26 -20.08
C GLN A 41 -3.82 8.37 -19.53
N GLY A 42 -3.16 7.23 -19.37
CA GLY A 42 -1.77 7.22 -18.93
C GLY A 42 -1.56 7.21 -17.43
N ALA A 43 -2.61 6.98 -16.65
CA ALA A 43 -2.49 7.12 -15.20
C ALA A 43 -1.43 6.18 -14.61
N HIS A 44 -1.33 4.98 -15.15
CA HIS A 44 -0.43 3.98 -14.61
C HIS A 44 1.03 4.40 -14.70
N ARG A 45 1.36 5.30 -15.63
CA ARG A 45 2.75 5.70 -15.79
C ARG A 45 3.33 6.31 -14.52
N ALA A 46 2.47 6.94 -13.72
CA ALA A 46 2.93 7.54 -12.45
C ALA A 46 3.21 6.49 -11.37
N GLY A 47 2.52 5.36 -11.44
CA GLY A 47 2.55 4.36 -10.38
C GLY A 47 1.44 4.48 -9.35
N LEU A 48 0.72 5.61 -9.36
CA LEU A 48 -0.26 5.96 -8.35
C LEU A 48 -1.26 6.92 -8.97
N ALA A 49 -2.55 6.76 -8.68
CA ALA A 49 -3.60 7.69 -9.09
C ALA A 49 -4.52 7.94 -7.91
N LYS A 50 -5.13 9.13 -7.88
CA LYS A 50 -6.19 9.45 -6.95
C LYS A 50 -7.54 9.40 -7.64
N ILE A 51 -8.53 8.81 -6.96
CA ILE A 51 -9.91 8.79 -7.45
C ILE A 51 -10.82 9.38 -6.38
N ILE A 52 -11.47 10.49 -6.73
CA ILE A 52 -12.39 11.15 -5.85
CA ILE A 52 -12.43 11.17 -5.88
C ILE A 52 -13.79 10.64 -6.22
N PRO A 53 -14.48 9.96 -5.29
CA PRO A 53 -15.80 9.40 -5.60
CA PRO A 53 -15.78 9.40 -5.64
C PRO A 53 -16.82 10.48 -5.92
N PRO A 54 -17.85 10.14 -6.70
CA PRO A 54 -18.89 11.13 -6.95
C PRO A 54 -19.58 11.52 -5.65
N LYS A 55 -20.18 12.71 -5.64
CA LYS A 55 -20.74 13.26 -4.41
C LYS A 55 -21.90 12.41 -3.88
N GLU A 56 -22.53 11.62 -4.76
CA GLU A 56 -23.68 10.81 -4.38
C GLU A 56 -23.27 9.55 -3.61
N TRP A 57 -21.98 9.25 -3.58
CA TRP A 57 -21.50 7.97 -3.05
C TRP A 57 -21.06 8.06 -1.60
N LYS A 58 -21.22 6.95 -0.86
CA LYS A 58 -20.68 6.82 0.49
C LYS A 58 -20.25 5.39 0.76
N ALA A 59 -19.21 5.23 1.57
CA ALA A 59 -18.70 3.90 1.91
C ALA A 59 -19.62 3.19 2.92
N ARG A 60 -20.11 3.94 3.89
CA ARG A 60 -21.03 3.42 4.91
C ARG A 60 -21.72 4.63 5.52
N GLU A 61 -22.69 4.39 6.40
CA GLU A 61 -23.46 5.50 6.94
C GLU A 61 -22.69 6.36 7.93
N THR A 62 -22.07 5.75 8.92
N THR A 62 -22.03 5.73 8.89
CA THR A 62 -21.26 6.50 9.87
CA THR A 62 -21.38 6.44 9.98
C THR A 62 -20.11 5.65 10.37
C THR A 62 -20.24 5.64 10.57
N TYR A 63 -19.20 6.32 11.06
CA TYR A 63 -18.07 5.67 11.71
C TYR A 63 -18.20 5.76 13.22
N ASP A 64 -19.42 5.96 13.72
CA ASP A 64 -19.63 6.18 15.14
CA ASP A 64 -19.62 6.19 15.14
C ASP A 64 -19.50 4.91 15.96
N ASN A 65 -19.49 3.75 15.30
CA ASN A 65 -19.53 2.47 16.01
C ASN A 65 -18.32 1.55 15.82
N ILE A 66 -17.16 2.12 15.51
CA ILE A 66 -15.98 1.31 15.16
C ILE A 66 -15.01 1.08 16.33
N SER A 67 -15.32 1.62 17.51
CA SER A 67 -14.34 1.67 18.59
C SER A 67 -14.01 0.31 19.19
N GLU A 68 -14.85 -0.69 18.94
CA GLU A 68 -14.66 -2.01 19.55
C GLU A 68 -13.91 -2.98 18.65
N ILE A 69 -13.56 -2.57 17.44
CA ILE A 69 -12.66 -3.36 16.62
C ILE A 69 -11.36 -3.58 17.39
N LEU A 70 -10.81 -4.78 17.32
CA LEU A 70 -9.57 -5.08 18.03
C LEU A 70 -8.37 -5.00 17.10
N ILE A 71 -7.32 -4.35 17.60
CA ILE A 71 -6.01 -4.36 16.99
C ILE A 71 -5.20 -5.37 17.80
N ALA A 72 -5.15 -6.61 17.34
CA ALA A 72 -4.56 -7.69 18.12
C ALA A 72 -3.06 -7.51 18.35
N THR A 73 -2.39 -6.96 17.35
CA THR A 73 -0.93 -6.80 17.43
C THR A 73 -0.51 -5.45 16.86
N PRO A 74 -0.72 -4.39 17.64
CA PRO A 74 -0.16 -3.09 17.24
C PRO A 74 1.36 -3.18 17.15
N LEU A 75 1.94 -2.42 16.22
CA LEU A 75 3.40 -2.45 16.00
C LEU A 75 4.03 -1.10 16.21
N GLN A 76 5.00 -1.07 17.10
CA GLN A 76 5.77 0.15 17.33
C GLN A 76 6.90 0.20 16.31
N GLN A 77 6.98 1.33 15.60
CA GLN A 77 7.89 1.47 14.46
C GLN A 77 9.17 2.21 14.88
N VAL A 78 10.19 1.45 15.23
CA VAL A 78 11.42 1.98 15.81
C VAL A 78 12.44 2.19 14.71
N ALA A 79 12.92 3.43 14.56
CA ALA A 79 13.84 3.77 13.46
C ALA A 79 15.32 3.66 13.83
N SER A 80 16.13 3.38 12.82
CA SER A 80 17.59 3.40 12.92
C SER A 80 18.17 4.00 11.65
N GLY A 81 19.17 4.87 11.78
CA GLY A 81 19.84 5.47 10.63
C GLY A 81 19.95 6.95 10.78
N ARG A 82 19.70 7.65 9.68
CA ARG A 82 19.73 9.11 9.66
C ARG A 82 18.36 9.59 9.17
N ALA A 83 18.10 10.87 9.30
CA ALA A 83 16.77 11.41 9.05
C ALA A 83 16.27 11.07 7.67
N GLY A 84 17.15 11.10 6.67
CA GLY A 84 16.74 10.89 5.30
C GLY A 84 16.92 9.46 4.80
N VAL A 85 17.59 8.61 5.57
CA VAL A 85 17.87 7.24 5.15
C VAL A 85 17.85 6.39 6.40
N PHE A 86 16.76 5.65 6.60
CA PHE A 86 16.61 4.88 7.83
C PHE A 86 15.83 3.63 7.58
N THR A 87 15.94 2.69 8.51
CA THR A 87 15.06 1.54 8.53
C THR A 87 14.19 1.58 9.76
N GLN A 88 13.09 0.84 9.72
CA GLN A 88 12.25 0.70 10.88
C GLN A 88 12.00 -0.76 11.19
N TYR A 89 12.18 -1.08 12.42
CA TYR A 89 11.78 -2.49 12.86
CA TYR A 89 11.93 -2.45 13.03
C TYR A 89 10.47 -2.35 13.82
N HIS A 90 9.75 -3.42 13.66
CA HIS A 90 8.42 -3.46 14.23
C HIS A 90 8.38 -4.27 15.49
N LYS A 91 8.14 -3.58 16.60
CA LYS A 91 8.07 -4.19 17.91
C LYS A 91 6.62 -4.43 18.28
N LYS A 92 6.28 -5.66 18.63
CA LYS A 92 4.91 -6.00 18.96
C LYS A 92 4.51 -5.41 20.30
N LYS A 93 3.30 -4.88 20.36
CA LYS A 93 2.75 -4.33 21.59
C LYS A 93 1.49 -5.11 21.93
N LYS A 94 1.02 -4.93 23.15
CA LYS A 94 -0.21 -5.56 23.63
CA LYS A 94 -0.22 -5.57 23.61
C LYS A 94 -1.44 -5.11 22.84
N ALA A 95 -2.41 -6.01 22.69
CA ALA A 95 -3.64 -5.72 21.96
C ALA A 95 -4.36 -4.50 22.53
N MET A 96 -5.07 -3.79 21.67
N MET A 96 -4.98 -3.73 21.63
CA MET A 96 -5.93 -2.73 22.15
CA MET A 96 -5.80 -2.55 21.98
C MET A 96 -7.04 -2.52 21.14
C MET A 96 -7.05 -2.53 21.11
N THR A 97 -8.15 -1.97 21.62
CA THR A 97 -9.27 -1.66 20.74
C THR A 97 -8.98 -0.38 19.96
N VAL A 98 -9.74 -0.16 18.90
CA VAL A 98 -9.63 1.05 18.12
C VAL A 98 -9.89 2.27 19.00
N GLY A 99 -10.84 2.18 19.93
CA GLY A 99 -11.08 3.28 20.85
C GLY A 99 -9.87 3.62 21.70
N GLU A 100 -9.22 2.59 22.21
CA GLU A 100 -8.01 2.79 23.00
C GLU A 100 -6.87 3.36 22.13
N TYR A 101 -6.75 2.84 20.92
CA TYR A 101 -5.73 3.29 19.98
C TYR A 101 -5.92 4.76 19.62
N ARG A 102 -7.16 5.16 19.36
CA ARG A 102 -7.47 6.55 19.04
C ARG A 102 -7.07 7.47 20.19
N HIS A 103 -7.39 7.06 21.42
CA HIS A 103 -7.00 7.85 22.58
C HIS A 103 -5.48 7.98 22.68
N LEU A 104 -4.76 6.89 22.40
CA LEU A 104 -3.31 6.90 22.42
C LEU A 104 -2.76 7.85 21.32
N ALA A 105 -3.31 7.76 20.12
CA ALA A 105 -2.89 8.62 19.00
C ALA A 105 -3.01 10.09 19.33
N ASN A 106 -4.06 10.42 20.08
CA ASN A 106 -4.38 11.81 20.40
C ASN A 106 -3.70 12.31 21.67
N SER A 107 -2.95 11.45 22.33
CA SER A 107 -2.25 11.82 23.57
C SER A 107 -1.10 12.75 23.25
N LYS A 108 -0.60 13.46 24.24
CA LYS A 108 0.48 14.42 24.01
CA LYS A 108 0.49 14.41 24.02
C LYS A 108 1.70 13.75 23.39
N LYS A 109 2.00 12.53 23.79
CA LYS A 109 3.20 11.84 23.32
C LYS A 109 3.15 11.57 21.81
N TYR A 110 1.96 11.32 21.27
CA TYR A 110 1.81 10.83 19.90
C TYR A 110 1.05 11.75 18.96
N GLN A 111 0.41 12.80 19.47
CA GLN A 111 -0.45 13.63 18.63
CA GLN A 111 -0.44 13.64 18.63
C GLN A 111 0.34 14.48 17.63
N THR A 112 -0.28 14.74 16.49
CA THR A 112 0.26 15.61 15.46
C THR A 112 0.62 16.97 16.06
N PRO A 113 1.80 17.49 15.74
CA PRO A 113 2.16 18.81 16.28
C PRO A 113 1.42 19.92 15.56
N PRO A 114 1.38 21.11 16.16
CA PRO A 114 0.87 22.27 15.42
C PRO A 114 1.64 22.45 14.13
N HIS A 115 0.97 22.84 13.05
CA HIS A 115 1.61 22.99 11.74
C HIS A 115 0.77 23.93 10.89
N GLN A 116 1.38 24.54 9.89
CA GLN A 116 0.69 25.55 9.08
C GLN A 116 -0.12 24.97 7.93
N ASN A 117 0.37 23.89 7.35
CA ASN A 117 -0.22 23.28 6.17
C ASN A 117 0.44 21.92 5.93
N PHE A 118 0.06 21.21 4.87
CA PHE A 118 0.62 19.89 4.62
C PHE A 118 2.13 19.94 4.38
N GLU A 119 2.63 20.95 3.68
CA GLU A 119 4.06 21.09 3.38
CA GLU A 119 4.05 21.03 3.40
C GLU A 119 4.87 21.23 4.67
N ASP A 120 4.35 22.02 5.60
CA ASP A 120 5.01 22.24 6.88
C ASP A 120 5.09 20.91 7.64
N LEU A 121 3.98 20.18 7.66
CA LEU A 121 3.93 18.92 8.36
C LEU A 121 4.88 17.90 7.71
N GLU A 122 4.95 17.89 6.38
CA GLU A 122 5.88 17.04 5.66
C GLU A 122 7.32 17.33 6.06
N ARG A 123 7.67 18.61 6.14
CA ARG A 123 8.99 19.02 6.61
CA ARG A 123 9.00 18.99 6.61
C ARG A 123 9.27 18.47 8.01
N LYS A 124 8.29 18.62 8.91
CA LYS A 124 8.45 18.12 10.28
CA LYS A 124 8.44 18.12 10.28
C LYS A 124 8.60 16.60 10.31
N TYR A 125 7.85 15.90 9.48
CA TYR A 125 7.96 14.45 9.41
C TYR A 125 9.39 14.03 9.07
N TRP A 126 9.93 14.55 7.97
CA TRP A 126 11.26 14.10 7.56
C TRP A 126 12.36 14.60 8.48
N LYS A 127 12.14 15.73 9.15
CA LYS A 127 13.13 16.22 10.11
C LYS A 127 13.17 15.34 11.37
N ASN A 128 12.00 14.93 11.84
CA ASN A 128 11.86 14.38 13.20
C ASN A 128 11.39 12.94 13.32
N ARG A 129 11.04 12.29 12.23
CA ARG A 129 10.49 10.94 12.29
C ARG A 129 11.36 9.98 13.11
N ILE A 130 12.66 9.98 12.88
CA ILE A 130 13.50 8.95 13.48
C ILE A 130 13.56 9.05 15.00
N TYR A 131 13.23 10.21 15.55
CA TYR A 131 13.36 10.43 16.98
C TYR A 131 12.13 10.01 17.77
N ASN A 132 11.15 9.42 17.10
CA ASN A 132 9.94 8.93 17.73
C ASN A 132 9.61 7.54 17.21
N SER A 133 8.80 6.82 17.97
CA SER A 133 8.44 5.46 17.62
C SER A 133 6.93 5.31 17.69
N PRO A 134 6.22 5.72 16.64
CA PRO A 134 4.76 5.66 16.64
C PRO A 134 4.29 4.23 16.56
N ILE A 135 3.02 4.03 16.91
CA ILE A 135 2.41 2.69 16.95
C ILE A 135 1.37 2.61 15.85
N TYR A 136 1.46 1.58 15.04
CA TYR A 136 0.64 1.36 13.83
C TYR A 136 -0.19 0.10 14.00
N GLY A 137 -1.48 0.26 13.80
N GLY A 137 -1.48 0.22 13.75
CA GLY A 137 -2.38 -0.87 13.68
CA GLY A 137 -2.35 -0.93 13.73
C GLY A 137 -2.49 -1.22 12.21
C GLY A 137 -2.60 -1.40 12.31
N ALA A 138 -1.62 -2.09 11.74
CA ALA A 138 -1.59 -2.43 10.32
C ALA A 138 -2.11 -3.82 10.06
N ASP A 139 -2.59 -4.05 8.84
CA ASP A 139 -2.80 -5.40 8.32
C ASP A 139 -3.81 -6.22 9.15
N ILE A 140 -4.95 -5.63 9.42
CA ILE A 140 -6.02 -6.26 10.18
C ILE A 140 -7.09 -6.73 9.19
N SER A 141 -7.27 -8.05 9.05
N SER A 141 -7.28 -8.04 9.10
CA SER A 141 -8.28 -8.54 8.11
CA SER A 141 -8.27 -8.57 8.18
C SER A 141 -9.66 -8.03 8.49
C SER A 141 -9.68 -8.06 8.51
N GLY A 142 -10.36 -7.44 7.54
CA GLY A 142 -11.68 -6.89 7.77
C GLY A 142 -12.05 -5.86 6.74
N SER A 143 -13.28 -5.35 6.86
CA SER A 143 -13.76 -4.30 5.98
C SER A 143 -14.72 -3.39 6.73
N LEU A 144 -14.73 -2.12 6.34
CA LEU A 144 -15.67 -1.14 6.87
C LEU A 144 -16.65 -0.64 5.80
N PHE A 145 -16.65 -1.26 4.62
CA PHE A 145 -17.68 -0.94 3.64
C PHE A 145 -18.99 -1.60 4.04
N ASP A 146 -20.07 -0.85 3.93
CA ASP A 146 -21.41 -1.41 4.13
C ASP A 146 -21.67 -2.43 3.04
N GLU A 147 -22.27 -3.57 3.40
CA GLU A 147 -22.53 -4.62 2.41
C GLU A 147 -23.44 -4.11 1.30
N ASN A 148 -24.21 -3.07 1.58
CA ASN A 148 -25.10 -2.47 0.59
C ASN A 148 -24.44 -1.42 -0.32
N THR A 149 -23.17 -1.10 -0.06
CA THR A 149 -22.44 -0.22 -0.97
C THR A 149 -22.01 -1.03 -2.17
N LYS A 150 -22.58 -0.72 -3.33
CA LYS A 150 -22.36 -1.54 -4.51
C LYS A 150 -21.20 -1.10 -5.39
N GLN A 151 -20.81 0.15 -5.26
CA GLN A 151 -19.75 0.72 -6.09
C GLN A 151 -18.46 0.84 -5.29
N TRP A 152 -17.36 0.34 -5.85
CA TRP A 152 -16.03 0.51 -5.27
C TRP A 152 -15.97 0.02 -3.83
N ASN A 153 -16.67 -1.09 -3.58
CA ASN A 153 -16.65 -1.75 -2.30
C ASN A 153 -15.47 -2.71 -2.30
N LEU A 154 -14.45 -2.42 -1.50
CA LEU A 154 -13.19 -3.14 -1.57
C LEU A 154 -13.29 -4.59 -1.09
N GLY A 155 -14.39 -4.95 -0.44
CA GLY A 155 -14.65 -6.35 -0.11
C GLY A 155 -15.40 -7.13 -1.16
N HIS A 156 -15.80 -6.46 -2.25
CA HIS A 156 -16.58 -7.10 -3.31
C HIS A 156 -15.94 -7.01 -4.69
N LEU A 157 -14.63 -6.83 -4.75
N LEU A 157 -14.61 -6.87 -4.75
CA LEU A 157 -13.95 -6.81 -6.04
CA LEU A 157 -13.92 -6.83 -6.02
C LEU A 157 -13.85 -8.22 -6.59
C LEU A 157 -13.62 -8.23 -6.55
N GLY A 158 -13.55 -8.33 -7.87
N GLY A 158 -13.55 -8.36 -7.87
CA GLY A 158 -13.17 -9.60 -8.45
CA GLY A 158 -13.14 -9.61 -8.48
C GLY A 158 -11.87 -10.04 -7.80
C GLY A 158 -11.80 -10.07 -7.95
N THR A 159 -11.70 -11.34 -7.59
CA THR A 159 -10.51 -11.86 -6.93
C THR A 159 -9.35 -12.04 -7.90
N ILE A 160 -8.14 -12.03 -7.37
CA ILE A 160 -6.96 -12.25 -8.21
CA ILE A 160 -6.95 -12.23 -8.20
C ILE A 160 -6.95 -13.66 -8.76
N GLN A 161 -7.45 -14.61 -7.98
CA GLN A 161 -7.52 -15.99 -8.44
C GLN A 161 -8.45 -16.13 -9.63
N ASP A 162 -9.59 -15.44 -9.60
CA ASP A 162 -10.50 -15.50 -10.72
C ASP A 162 -9.91 -14.78 -11.94
N LEU A 163 -9.16 -13.71 -11.73
CA LEU A 163 -8.50 -13.03 -12.84
C LEU A 163 -7.51 -13.96 -13.52
N LEU A 164 -6.68 -14.64 -12.74
CA LEU A 164 -5.72 -15.57 -13.31
CA LEU A 164 -5.70 -15.56 -13.30
C LEU A 164 -6.41 -16.68 -14.07
N GLU A 165 -7.52 -17.15 -13.54
CA GLU A 165 -8.29 -18.17 -14.24
C GLU A 165 -8.87 -17.67 -15.55
N LYS A 166 -9.43 -16.47 -15.54
CA LYS A 166 -10.00 -15.92 -16.77
C LYS A 166 -8.95 -15.69 -17.83
N GLU A 167 -7.75 -15.28 -17.41
CA GLU A 167 -6.72 -14.93 -18.37
C GLU A 167 -5.94 -16.12 -18.88
N CYS A 168 -5.66 -17.07 -17.99
CA CYS A 168 -4.73 -18.16 -18.27
CA CYS A 168 -4.75 -18.16 -18.35
C CYS A 168 -5.34 -19.55 -18.20
N GLY A 169 -6.63 -19.63 -17.85
N GLY A 169 -6.55 -19.66 -17.66
CA GLY A 169 -7.31 -20.91 -17.75
CA GLY A 169 -7.31 -20.90 -17.69
C GLY A 169 -6.96 -21.56 -16.44
C GLY A 169 -6.96 -21.95 -16.64
N VAL A 170 -6.12 -20.87 -15.68
N VAL A 170 -6.23 -21.54 -15.60
CA VAL A 170 -5.55 -21.36 -14.44
CA VAL A 170 -5.83 -22.43 -14.51
C VAL A 170 -6.58 -21.43 -13.32
C VAL A 170 -6.58 -22.06 -13.24
N VAL A 171 -6.77 -22.59 -12.71
N VAL A 171 -7.38 -22.97 -12.69
CA VAL A 171 -7.68 -22.72 -11.57
CA VAL A 171 -7.97 -22.77 -11.39
C VAL A 171 -6.87 -23.00 -10.30
C VAL A 171 -6.92 -22.98 -10.30
N ILE A 172 -6.92 -22.09 -9.33
CA ILE A 172 -6.04 -22.18 -8.16
C ILE A 172 -6.77 -21.93 -6.86
N GLU A 173 -6.19 -22.47 -5.79
CA GLU A 173 -6.63 -22.17 -4.44
C GLU A 173 -6.32 -20.72 -4.07
N GLY A 174 -6.91 -20.26 -2.98
CA GLY A 174 -6.63 -18.95 -2.41
C GLY A 174 -7.82 -18.03 -2.45
N VAL A 175 -7.79 -17.09 -1.51
N VAL A 175 -7.90 -17.11 -1.48
CA VAL A 175 -8.77 -16.06 -1.38
CA VAL A 175 -8.94 -16.07 -1.46
C VAL A 175 -8.02 -14.73 -1.29
C VAL A 175 -8.44 -14.76 -0.82
N ASN A 176 -8.73 -13.64 -1.48
CA ASN A 176 -8.10 -12.37 -1.16
CA ASN A 176 -8.11 -12.35 -1.38
C ASN A 176 -9.13 -11.43 -0.68
N THR A 177 -8.85 -10.96 0.54
CA THR A 177 -9.78 -10.12 1.30
C THR A 177 -9.09 -8.83 1.76
N PRO A 178 -9.86 -7.80 2.13
CA PRO A 178 -9.23 -6.54 2.48
C PRO A 178 -8.59 -6.53 3.87
N TYR A 179 -7.75 -5.51 4.05
CA TYR A 179 -7.18 -5.21 5.35
CA TYR A 179 -7.06 -5.18 5.32
C TYR A 179 -7.52 -3.79 5.78
N LEU A 180 -7.68 -3.64 7.08
CA LEU A 180 -7.83 -2.36 7.75
C LEU A 180 -6.52 -1.93 8.37
N TYR A 181 -6.37 -0.61 8.45
CA TYR A 181 -5.18 0.01 9.00
CA TYR A 181 -5.18 0.02 9.01
C TYR A 181 -5.61 1.16 9.89
N PHE A 182 -5.11 1.19 11.10
CA PHE A 182 -5.33 2.30 12.03
C PHE A 182 -4.00 2.97 12.26
N GLY A 183 -3.93 4.25 11.93
CA GLY A 183 -2.67 4.99 11.92
C GLY A 183 -2.67 6.14 12.89
N MET A 184 -1.49 6.67 13.15
CA MET A 184 -1.31 7.89 13.95
C MET A 184 -0.18 8.70 13.32
N TRP A 185 0.04 9.91 13.84
CA TRP A 185 1.12 10.77 13.36
C TRP A 185 2.43 9.97 13.27
N LYS A 186 3.12 10.13 12.15
CA LYS A 186 4.43 9.54 11.89
C LYS A 186 4.40 8.05 11.56
N THR A 187 3.27 7.36 11.68
CA THR A 187 3.23 5.99 11.20
C THR A 187 3.59 6.00 9.72
N THR A 188 4.37 5.01 9.35
CA THR A 188 5.14 5.02 8.10
C THR A 188 4.98 3.72 7.34
N PHE A 189 4.76 3.81 6.03
CA PHE A 189 4.90 2.66 5.14
C PHE A 189 6.16 2.83 4.31
N ALA A 190 7.04 1.84 4.42
CA ALA A 190 8.34 1.82 3.78
C ALA A 190 8.21 1.63 2.27
N TRP A 191 9.28 1.90 1.56
CA TRP A 191 9.31 1.73 0.11
C TRP A 191 9.05 0.29 -0.31
N HIS A 192 8.05 0.08 -1.16
CA HIS A 192 7.72 -1.25 -1.62
C HIS A 192 6.91 -1.20 -2.89
N THR A 193 6.90 -2.33 -3.59
CA THR A 193 5.81 -2.65 -4.53
C THR A 193 4.94 -3.70 -3.85
N GLU A 194 3.77 -4.00 -4.42
CA GLU A 194 2.89 -5.00 -3.82
C GLU A 194 3.42 -6.41 -4.08
N ASP A 195 2.91 -7.37 -3.31
CA ASP A 195 3.20 -8.78 -3.53
C ASP A 195 2.94 -9.09 -5.01
N MET A 196 3.87 -9.79 -5.65
CA MET A 196 3.73 -10.19 -7.03
CA MET A 196 3.77 -10.18 -7.05
C MET A 196 3.55 -8.99 -7.97
N ASP A 197 3.95 -7.81 -7.51
CA ASP A 197 3.79 -6.56 -8.25
C ASP A 197 2.33 -6.33 -8.70
N LEU A 198 1.41 -6.73 -7.83
CA LEU A 198 -0.02 -6.48 -8.03
C LEU A 198 -0.38 -5.00 -7.96
N TYR A 199 -1.58 -4.67 -8.41
CA TYR A 199 -2.16 -3.38 -8.07
C TYR A 199 -2.57 -3.38 -6.61
N SER A 200 -2.76 -2.20 -6.05
CA SER A 200 -3.52 -2.07 -4.81
C SER A 200 -4.48 -0.92 -4.91
N ILE A 201 -5.50 -0.96 -4.08
CA ILE A 201 -6.40 0.17 -3.91
C ILE A 201 -6.58 0.40 -2.43
N ASN A 202 -6.59 1.68 -2.06
CA ASN A 202 -6.62 2.13 -0.69
C ASN A 202 -7.69 3.20 -0.54
N TYR A 203 -8.61 2.99 0.39
CA TYR A 203 -9.63 3.98 0.72
C TYR A 203 -9.35 4.54 2.11
N LEU A 204 -9.30 5.86 2.25
CA LEU A 204 -9.11 6.49 3.55
CA LEU A 204 -9.11 6.51 3.54
C LEU A 204 -10.50 6.76 4.12
N HIS A 205 -10.93 5.89 5.03
CA HIS A 205 -12.27 5.94 5.57
C HIS A 205 -12.51 7.18 6.44
N LEU A 206 -11.54 7.51 7.28
CA LEU A 206 -11.78 8.45 8.38
C LEU A 206 -10.47 9.03 8.87
N GLY A 207 -10.51 10.30 9.26
CA GLY A 207 -9.43 10.90 10.01
C GLY A 207 -8.46 11.71 9.18
N GLU A 208 -7.23 11.79 9.66
CA GLU A 208 -6.24 12.69 9.11
C GLU A 208 -5.61 12.13 7.84
N PRO A 209 -4.93 12.99 7.05
CA PRO A 209 -4.45 12.53 5.74
C PRO A 209 -3.31 11.51 5.77
N LYS A 210 -3.00 11.02 4.58
CA LYS A 210 -1.86 10.16 4.34
C LYS A 210 -1.10 10.78 3.16
N THR A 211 0.20 11.03 3.32
CA THR A 211 1.06 11.50 2.23
C THR A 211 1.76 10.31 1.60
N TRP A 212 1.77 10.28 0.27
CA TRP A 212 2.34 9.22 -0.54
C TRP A 212 3.47 9.77 -1.39
N TYR A 213 4.49 8.93 -1.58
CA TYR A 213 5.57 9.14 -2.55
C TYR A 213 5.54 7.93 -3.49
N VAL A 214 5.85 8.14 -4.76
CA VAL A 214 5.78 7.06 -5.73
C VAL A 214 6.79 7.25 -6.86
N VAL A 215 7.40 6.15 -7.28
CA VAL A 215 8.32 6.13 -8.41
C VAL A 215 7.60 5.49 -9.59
N PRO A 216 7.67 6.12 -10.78
CA PRO A 216 7.04 5.53 -11.96
C PRO A 216 7.52 4.10 -12.19
N PRO A 217 6.62 3.17 -12.56
CA PRO A 217 7.04 1.79 -12.79
C PRO A 217 8.21 1.68 -13.77
N GLU A 218 8.26 2.52 -14.81
CA GLU A 218 9.32 2.45 -15.79
C GLU A 218 10.67 2.82 -15.18
N HIS A 219 10.67 3.41 -14.00
CA HIS A 219 11.91 3.80 -13.32
C HIS A 219 12.18 3.06 -12.01
N GLY A 220 11.45 1.99 -11.75
CA GLY A 220 11.58 1.28 -10.50
C GLY A 220 13.00 0.79 -10.23
N GLN A 221 13.68 0.36 -11.28
N GLN A 221 13.69 0.36 -11.28
CA GLN A 221 15.03 -0.16 -11.13
CA GLN A 221 15.03 -0.17 -11.07
C GLN A 221 15.98 0.90 -10.58
C GLN A 221 16.03 0.90 -10.63
N ARG A 222 15.73 2.17 -10.91
CA ARG A 222 16.57 3.25 -10.41
C ARG A 222 16.46 3.37 -8.90
N LEU A 223 15.25 3.20 -8.37
CA LEU A 223 15.07 3.22 -6.93
CA LEU A 223 15.02 3.19 -6.93
C LEU A 223 15.76 2.01 -6.29
N GLU A 224 15.64 0.85 -6.92
CA GLU A 224 16.30 -0.35 -6.42
C GLU A 224 17.81 -0.17 -6.34
N ARG A 225 18.41 0.39 -7.38
CA ARG A 225 19.85 0.59 -7.40
C ARG A 225 20.27 1.53 -6.27
N LEU A 226 19.52 2.62 -6.08
CA LEU A 226 19.86 3.52 -4.98
C LEU A 226 19.70 2.81 -3.64
N ALA A 227 18.63 2.04 -3.47
CA ALA A 227 18.43 1.34 -2.22
C ALA A 227 19.59 0.39 -1.93
N ARG A 228 20.10 -0.31 -2.94
CA ARG A 228 21.24 -1.21 -2.74
CA ARG A 228 21.23 -1.21 -2.71
C ARG A 228 22.45 -0.44 -2.23
N GLU A 229 22.65 0.75 -2.78
CA GLU A 229 23.77 1.60 -2.37
C GLU A 229 23.60 2.10 -0.92
N LEU A 230 22.37 2.46 -0.56
CA LEU A 230 22.10 3.07 0.74
C LEU A 230 21.94 2.09 1.88
N PHE A 231 21.62 0.83 1.55
CA PHE A 231 21.42 -0.21 2.55
C PHE A 231 22.25 -1.43 2.14
N PRO A 232 23.58 -1.28 2.18
CA PRO A 232 24.41 -2.31 1.54
C PRO A 232 24.36 -3.66 2.24
N GLY A 233 24.31 -3.68 3.57
CA GLY A 233 24.21 -4.94 4.30
C GLY A 233 22.91 -5.65 3.98
N SER A 234 21.82 -4.91 3.96
CA SER A 234 20.52 -5.50 3.64
C SER A 234 20.51 -6.08 2.24
N SER A 235 21.14 -5.37 1.32
CA SER A 235 21.21 -5.84 -0.05
C SER A 235 22.00 -7.13 -0.17
N ARG A 236 23.08 -7.26 0.59
CA ARG A 236 23.87 -8.48 0.57
C ARG A 236 23.07 -9.64 1.13
N GLY A 237 22.18 -9.35 2.07
CA GLY A 237 21.39 -10.39 2.70
C GLY A 237 20.24 -10.91 1.86
N CYS A 238 19.71 -10.08 0.99
CA CYS A 238 18.58 -10.45 0.15
C CYS A 238 18.54 -9.60 -1.11
N GLY A 239 18.43 -10.25 -2.23
CA GLY A 239 18.38 -9.62 -3.51
C GLY A 239 17.09 -8.88 -3.86
N ALA A 240 16.10 -8.97 -2.99
CA ALA A 240 14.81 -8.30 -3.08
C ALA A 240 14.46 -7.74 -1.69
N PHE A 241 15.41 -7.12 -0.99
CA PHE A 241 15.18 -6.72 0.39
C PHE A 241 14.11 -5.65 0.56
N LEU A 242 13.77 -4.91 -0.49
CA LEU A 242 12.68 -3.95 -0.36
C LEU A 242 11.35 -4.66 -0.06
N ARG A 243 11.28 -5.95 -0.39
N ARG A 243 11.23 -5.93 -0.35
CA ARG A 243 10.14 -6.83 -0.06
CA ARG A 243 9.99 -6.62 -0.01
C ARG A 243 9.89 -6.82 1.45
C ARG A 243 9.92 -6.96 1.47
N HIS A 244 10.94 -6.57 2.23
CA HIS A 244 10.85 -6.63 3.68
C HIS A 244 10.05 -5.45 4.21
N LYS A 245 9.92 -4.41 3.40
CA LYS A 245 9.08 -3.28 3.75
C LYS A 245 9.54 -2.58 5.05
N VAL A 246 10.84 -2.30 5.13
CA VAL A 246 11.38 -1.61 6.30
C VAL A 246 12.31 -0.42 5.96
N ALA A 247 12.55 -0.15 4.68
CA ALA A 247 13.54 0.86 4.29
C ALA A 247 12.88 2.16 3.85
N LEU A 248 13.38 3.29 4.38
CA LEU A 248 12.90 4.62 4.04
C LEU A 248 14.01 5.49 3.48
N ILE A 249 13.65 6.24 2.44
CA ILE A 249 14.53 7.21 1.77
C ILE A 249 13.67 8.45 1.56
N SER A 250 14.15 9.60 2.01
CA SER A 250 13.38 10.84 1.94
C SER A 250 13.32 11.45 0.54
N PRO A 251 12.35 12.34 0.30
CA PRO A 251 12.31 13.02 -1.00
C PRO A 251 13.59 13.83 -1.27
N THR A 252 14.20 14.39 -0.23
CA THR A 252 15.44 15.14 -0.43
C THR A 252 16.53 14.23 -0.96
N VAL A 253 16.67 13.05 -0.36
CA VAL A 253 17.69 12.11 -0.81
C VAL A 253 17.38 11.58 -2.20
N LEU A 254 16.11 11.32 -2.50
CA LEU A 254 15.75 10.90 -3.86
C LEU A 254 16.16 11.98 -4.87
N LYS A 255 15.86 13.23 -4.60
CA LYS A 255 16.19 14.33 -5.50
C LYS A 255 17.71 14.46 -5.64
N GLU A 256 18.43 14.33 -4.56
CA GLU A 256 19.90 14.41 -4.60
C GLU A 256 20.48 13.37 -5.54
N ASN A 257 19.81 12.22 -5.64
CA ASN A 257 20.27 11.09 -6.43
C ASN A 257 19.57 10.96 -7.78
N GLY A 258 18.80 11.99 -8.15
CA GLY A 258 18.17 12.02 -9.45
C GLY A 258 17.09 10.99 -9.67
N ILE A 259 16.47 10.47 -8.60
CA ILE A 259 15.46 9.44 -8.76
C ILE A 259 14.14 10.10 -9.12
N PRO A 260 13.50 9.70 -10.24
CA PRO A 260 12.20 10.31 -10.54
CA PRO A 260 12.18 10.25 -10.59
C PRO A 260 11.12 9.82 -9.58
N PHE A 261 10.37 10.75 -9.03
CA PHE A 261 9.27 10.41 -8.13
C PHE A 261 8.27 11.55 -8.10
N ASN A 262 7.09 11.27 -7.54
CA ASN A 262 6.07 12.26 -7.29
C ASN A 262 5.50 12.06 -5.90
N ARG A 263 4.74 13.04 -5.43
CA ARG A 263 4.11 12.96 -4.13
C ARG A 263 2.71 13.53 -4.19
N ILE A 264 1.85 13.08 -3.28
CA ILE A 264 0.48 13.59 -3.20
C ILE A 264 -0.04 13.24 -1.84
N THR A 265 -0.97 14.05 -1.34
CA THR A 265 -1.63 13.76 -0.08
C THR A 265 -3.08 13.33 -0.31
N GLN A 266 -3.44 12.20 0.28
CA GLN A 266 -4.77 11.60 0.23
C GLN A 266 -5.54 12.04 1.48
N GLU A 267 -6.78 12.45 1.29
CA GLU A 267 -7.64 12.87 2.40
C GLU A 267 -8.81 11.92 2.55
N ALA A 268 -9.47 11.99 3.69
CA ALA A 268 -10.60 11.10 3.98
C ALA A 268 -11.62 11.19 2.88
N GLY A 269 -12.16 10.04 2.48
CA GLY A 269 -13.13 9.97 1.42
C GLY A 269 -12.57 9.76 0.03
N GLU A 270 -11.24 9.63 -0.07
CA GLU A 270 -10.57 9.48 -1.36
C GLU A 270 -9.93 8.11 -1.50
N PHE A 271 -9.97 7.58 -2.72
CA PHE A 271 -9.26 6.36 -3.07
C PHE A 271 -7.91 6.68 -3.72
N MET A 272 -6.94 5.80 -3.48
CA MET A 272 -5.69 5.79 -4.24
C MET A 272 -5.54 4.41 -4.85
N VAL A 273 -5.09 4.34 -6.09
CA VAL A 273 -4.73 3.07 -6.73
C VAL A 273 -3.23 3.10 -7.01
N THR A 274 -2.53 2.05 -6.58
CA THR A 274 -1.15 1.83 -7.02
C THR A 274 -1.16 0.81 -8.14
N PHE A 275 -0.24 1.01 -9.08
CA PHE A 275 -0.17 0.21 -10.30
C PHE A 275 1.00 -0.76 -10.23
N PRO A 276 0.95 -1.83 -11.03
CA PRO A 276 2.02 -2.83 -10.97
C PRO A 276 3.42 -2.22 -11.05
N TYR A 277 4.25 -2.62 -10.10
CA TYR A 277 5.65 -2.23 -10.05
C TYR A 277 5.83 -0.73 -9.77
N GLY A 278 4.81 -0.09 -9.20
CA GLY A 278 4.94 1.28 -8.73
C GLY A 278 5.38 1.32 -7.28
N TYR A 279 6.66 1.59 -7.05
CA TYR A 279 7.20 1.69 -5.70
C TYR A 279 6.55 2.87 -5.00
N HIS A 280 6.16 2.68 -3.74
CA HIS A 280 5.57 3.76 -2.96
C HIS A 280 5.92 3.63 -1.49
N ALA A 281 5.81 4.77 -0.81
CA ALA A 281 6.13 4.92 0.62
C ALA A 281 5.34 6.12 1.11
N GLY A 282 5.25 6.30 2.42
CA GLY A 282 4.59 7.48 2.93
C GLY A 282 4.30 7.42 4.40
N PHE A 283 3.44 8.34 4.86
CA PHE A 283 3.20 8.49 6.27
C PHE A 283 1.81 9.06 6.53
N ASN A 284 1.32 8.80 7.72
CA ASN A 284 0.05 9.33 8.20
C ASN A 284 0.23 10.61 9.02
N HIS A 285 -0.71 11.52 8.85
CA HIS A 285 -0.65 12.83 9.49
C HIS A 285 -1.14 12.81 10.92
N GLY A 286 -1.93 11.81 11.30
CA GLY A 286 -2.58 11.80 12.60
C GLY A 286 -3.50 10.58 12.61
N PHE A 287 -4.36 10.47 13.62
CA PHE A 287 -5.26 9.33 13.70
C PHE A 287 -6.06 9.16 12.43
N ASN A 288 -6.05 7.95 11.87
CA ASN A 288 -6.87 7.65 10.71
C ASN A 288 -7.15 6.16 10.58
N CYS A 289 -8.08 5.87 9.68
CA CYS A 289 -8.47 4.51 9.37
CA CYS A 289 -8.51 4.51 9.39
C CYS A 289 -8.56 4.36 7.88
N ALA A 290 -7.83 3.39 7.34
CA ALA A 290 -7.82 3.10 5.91
C ALA A 290 -8.11 1.62 5.67
N GLU A 291 -8.52 1.31 4.44
CA GLU A 291 -8.77 -0.06 4.03
C GLU A 291 -8.08 -0.25 2.69
N ALA A 292 -7.47 -1.40 2.48
CA ALA A 292 -6.78 -1.65 1.22
C ALA A 292 -6.86 -3.11 0.84
N ILE A 293 -6.73 -3.36 -0.45
CA ILE A 293 -6.67 -4.71 -0.99
C ILE A 293 -5.87 -4.70 -2.28
N ASN A 294 -5.25 -5.81 -2.58
CA ASN A 294 -4.61 -6.02 -3.86
C ASN A 294 -5.60 -6.51 -4.89
N PHE A 295 -5.36 -6.17 -6.15
CA PHE A 295 -6.16 -6.68 -7.24
C PHE A 295 -5.33 -6.80 -8.50
N ALA A 296 -5.90 -7.46 -9.48
CA ALA A 296 -5.25 -7.72 -10.76
C ALA A 296 -6.13 -7.32 -11.91
N THR A 297 -5.51 -7.10 -13.06
CA THR A 297 -6.17 -6.92 -14.34
C THR A 297 -5.38 -7.71 -15.37
N PRO A 298 -5.89 -7.81 -16.61
CA PRO A 298 -5.09 -8.53 -17.60
C PRO A 298 -3.67 -7.96 -17.79
N ARG A 299 -3.49 -6.66 -17.65
CA ARG A 299 -2.17 -6.06 -17.84
C ARG A 299 -1.18 -6.45 -16.75
N TRP A 300 -1.70 -6.85 -15.59
CA TRP A 300 -0.83 -7.25 -14.50
C TRP A 300 -0.05 -8.54 -14.79
N ILE A 301 -0.63 -9.44 -15.56
CA ILE A 301 -0.07 -10.79 -15.68
C ILE A 301 1.43 -10.77 -15.99
N ASP A 302 1.84 -9.96 -16.97
CA ASP A 302 3.26 -9.92 -17.31
C ASP A 302 4.14 -9.37 -16.17
N TYR A 303 3.61 -8.45 -15.36
CA TYR A 303 4.34 -8.01 -14.18
C TYR A 303 4.47 -9.12 -13.15
N GLY A 304 3.40 -9.89 -12.97
CA GLY A 304 3.44 -10.99 -12.03
C GLY A 304 4.52 -12.01 -12.40
N LYS A 305 4.65 -12.29 -13.71
CA LYS A 305 5.66 -13.22 -14.20
C LYS A 305 7.07 -12.76 -13.89
N MET A 306 7.28 -11.45 -13.86
CA MET A 306 8.62 -10.88 -13.74
C MET A 306 8.96 -10.41 -12.32
N ALA A 307 8.01 -10.50 -11.39
CA ALA A 307 8.20 -9.93 -10.06
C ALA A 307 9.36 -10.59 -9.34
N SER A 308 10.18 -9.75 -8.70
N SER A 308 10.17 -9.75 -8.72
CA SER A 308 11.33 -10.25 -7.93
CA SER A 308 11.22 -10.23 -7.86
C SER A 308 10.90 -10.65 -6.52
C SER A 308 10.61 -10.95 -6.68
N GLN A 309 11.40 -11.80 -6.05
CA GLN A 309 10.96 -12.43 -4.82
C GLN A 309 12.03 -12.41 -3.76
N CYS A 310 11.57 -12.25 -2.52
CA CYS A 310 12.40 -12.50 -1.36
C CYS A 310 12.39 -14.00 -1.06
N SER A 311 13.58 -14.59 -0.96
CA SER A 311 13.71 -15.98 -0.56
C SER A 311 14.63 -16.11 0.65
N CYS A 312 14.97 -14.98 1.29
CA CYS A 312 15.80 -15.02 2.50
C CYS A 312 14.96 -15.39 3.72
N GLY A 313 13.64 -15.34 3.55
CA GLY A 313 12.72 -15.72 4.62
C GLY A 313 12.08 -14.57 5.37
N GLU A 314 12.65 -13.39 5.26
CA GLU A 314 12.11 -12.28 6.00
C GLU A 314 10.74 -11.87 5.55
N ALA A 315 10.52 -11.84 4.24
CA ALA A 315 9.25 -11.46 3.72
C ALA A 315 8.47 -12.78 3.75
N ARG A 316 7.55 -12.77 4.65
CA ARG A 316 6.64 -13.84 4.87
C ARG A 316 5.39 -13.14 4.44
N VAL A 317 4.66 -13.92 3.69
CA VAL A 317 3.47 -13.68 2.96
C VAL A 317 2.32 -14.67 3.02
N THR A 318 1.22 -14.18 2.51
CA THR A 318 -0.06 -14.80 2.55
C THR A 318 -0.13 -16.14 1.85
N PHE A 319 -1.12 -16.86 2.23
CA PHE A 319 -1.25 -18.19 1.65
CA PHE A 319 -1.20 -18.19 1.62
C PHE A 319 -1.58 -18.10 0.16
N SER A 320 -2.17 -16.99 -0.26
CA SER A 320 -2.53 -16.82 -1.67
CA SER A 320 -2.53 -16.79 -1.67
C SER A 320 -1.30 -16.74 -2.57
N MET A 321 -0.18 -16.30 -2.03
CA MET A 321 0.95 -16.08 -2.91
C MET A 321 1.56 -17.35 -3.49
N ASP A 322 1.41 -18.47 -2.78
CA ASP A 322 1.99 -19.72 -3.23
C ASP A 322 1.60 -20.03 -4.66
N ALA A 323 0.31 -19.97 -4.96
CA ALA A 323 -0.17 -20.35 -6.28
C ALA A 323 0.32 -19.39 -7.33
N PHE A 324 0.45 -18.11 -6.99
CA PHE A 324 0.92 -17.11 -7.96
CA PHE A 324 0.91 -17.17 -8.00
C PHE A 324 2.35 -17.44 -8.40
N VAL A 325 3.21 -17.75 -7.43
CA VAL A 325 4.60 -18.09 -7.73
C VAL A 325 4.63 -19.44 -8.46
N ARG A 326 3.84 -20.39 -8.00
CA ARG A 326 3.82 -21.73 -8.57
C ARG A 326 3.46 -21.72 -10.05
N ILE A 327 2.46 -20.94 -10.42
CA ILE A 327 1.97 -20.90 -11.79
C ILE A 327 2.76 -19.92 -12.65
N LEU A 328 3.01 -18.73 -12.16
CA LEU A 328 3.66 -17.71 -12.97
C LEU A 328 5.17 -17.81 -13.00
N GLN A 329 5.76 -18.39 -11.96
N GLN A 329 5.78 -18.36 -11.95
CA GLN A 329 7.22 -18.43 -11.80
CA GLN A 329 7.23 -18.45 -11.86
C GLN A 329 7.71 -19.82 -11.40
C GLN A 329 7.68 -19.83 -11.40
N PRO A 330 7.35 -20.86 -12.18
CA PRO A 330 7.69 -22.22 -11.76
C PRO A 330 9.18 -22.44 -11.53
N GLU A 331 9.98 -21.77 -12.35
CA GLU A 331 11.39 -21.92 -12.04
CA GLU A 331 11.41 -21.91 -12.05
C GLU A 331 11.99 -21.49 -10.64
N ARG A 332 11.30 -20.45 -10.28
CA ARG A 332 11.72 -19.83 -9.00
CA ARG A 332 11.72 -19.81 -9.00
C ARG A 332 10.98 -20.49 -7.63
N TYR A 333 9.97 -21.28 -7.92
CA TYR A 333 9.05 -21.76 -6.92
C TYR A 333 9.74 -22.54 -5.81
N ASP A 334 10.53 -23.52 -6.18
CA ASP A 334 11.20 -24.33 -5.17
C ASP A 334 12.05 -23.49 -4.22
N LEU A 335 12.87 -22.61 -4.77
CA LEU A 335 13.74 -21.76 -3.97
C LEU A 335 12.92 -20.80 -3.09
N TRP A 336 11.86 -20.24 -3.67
CA TRP A 336 11.00 -19.33 -2.92
C TRP A 336 10.31 -20.05 -1.77
N LYS A 337 9.82 -21.26 -2.03
CA LYS A 337 9.07 -22.00 -1.03
C LYS A 337 9.93 -22.27 0.19
N ARG A 338 11.22 -22.48 -0.03
CA ARG A 338 12.15 -22.71 1.07
C ARG A 338 12.16 -21.56 2.08
N GLY A 339 12.02 -20.32 1.60
CA GLY A 339 11.99 -19.17 2.48
C GLY A 339 10.60 -18.90 3.05
#